data_8OL8
#
_entry.id   8OL8
#
_entity_poly.entity_id   1
_entity_poly.type   'polypeptide(L)'
_entity_poly.pdbx_seq_one_letter_code
;(ACE)DVFMKKLSKDK(NH2)
;
_entity_poly.pdbx_strand_id   A
#
# COMPACT_ATOMS: atom_id res chain seq x y z
N ASP A 2 -1.91 -7.15 -3.85
CA ASP A 2 -2.31 -6.19 -2.82
C ASP A 2 -2.89 -4.94 -3.48
N VAL A 3 -3.86 -4.33 -2.81
CA VAL A 3 -4.55 -3.18 -3.36
C VAL A 3 -3.72 -1.89 -3.19
N PHE A 4 -4.19 -0.81 -3.80
CA PHE A 4 -3.52 0.48 -3.71
C PHE A 4 -3.38 0.92 -2.26
N MET A 5 -4.43 0.73 -1.47
CA MET A 5 -4.41 1.09 -0.07
C MET A 5 -3.42 0.24 0.69
N LYS A 6 -3.21 -0.97 0.21
CA LYS A 6 -2.24 -1.88 0.79
C LYS A 6 -0.83 -1.43 0.45
N LYS A 7 -0.62 -1.12 -0.82
CA LYS A 7 0.67 -0.64 -1.27
C LYS A 7 1.01 0.69 -0.61
N LEU A 8 -0.01 1.50 -0.38
CA LEU A 8 0.17 2.79 0.28
C LEU A 8 0.81 2.60 1.65
N SER A 9 0.40 1.56 2.35
CA SER A 9 0.96 1.26 3.67
C SER A 9 2.34 0.63 3.52
N LYS A 10 2.53 -0.11 2.44
CA LYS A 10 3.79 -0.76 2.15
C LYS A 10 4.86 0.27 1.78
N ASP A 11 4.44 1.29 1.05
CA ASP A 11 5.34 2.36 0.62
C ASP A 11 5.79 3.21 1.81
N LYS A 12 5.02 3.15 2.89
CA LYS A 12 5.35 3.90 4.09
C LYS A 12 6.37 3.15 4.93
N ASP A 2 -2.89 -7.50 -3.12
CA ASP A 2 -2.65 -6.26 -2.39
C ASP A 2 -3.14 -5.06 -3.20
N VAL A 3 -4.02 -4.28 -2.60
CA VAL A 3 -4.63 -3.15 -3.27
C VAL A 3 -3.76 -1.90 -3.15
N PHE A 4 -4.19 -0.80 -3.78
CA PHE A 4 -3.47 0.46 -3.71
C PHE A 4 -3.34 0.94 -2.27
N MET A 5 -4.40 0.73 -1.49
CA MET A 5 -4.39 1.10 -0.08
C MET A 5 -3.38 0.25 0.67
N LYS A 6 -3.21 -0.99 0.21
CA LYS A 6 -2.25 -1.90 0.79
C LYS A 6 -0.84 -1.46 0.45
N LYS A 7 -0.63 -1.11 -0.80
CA LYS A 7 0.66 -0.63 -1.26
C LYS A 7 0.99 0.70 -0.59
N LEU A 8 -0.02 1.52 -0.36
CA LEU A 8 0.16 2.82 0.28
C LEU A 8 0.73 2.65 1.68
N SER A 9 0.43 1.52 2.31
CA SER A 9 0.95 1.21 3.63
C SER A 9 2.36 0.65 3.52
N LYS A 10 2.61 -0.12 2.46
CA LYS A 10 3.92 -0.74 2.26
C LYS A 10 4.94 0.27 1.72
N ASP A 11 4.45 1.34 1.12
CA ASP A 11 5.31 2.41 0.63
C ASP A 11 5.79 3.30 1.77
N LYS A 12 5.27 3.05 2.96
CA LYS A 12 5.59 3.85 4.12
C LYS A 12 6.12 2.99 5.26
N ASP A 2 -1.63 -6.95 -2.49
CA ASP A 2 -1.31 -5.54 -2.36
C ASP A 2 -2.19 -4.69 -3.27
N VAL A 3 -3.24 -4.13 -2.69
CA VAL A 3 -4.07 -3.19 -3.39
C VAL A 3 -3.48 -1.79 -3.23
N PHE A 4 -4.11 -0.78 -3.84
CA PHE A 4 -3.63 0.59 -3.73
C PHE A 4 -3.46 1.01 -2.28
N MET A 5 -4.46 0.70 -1.46
CA MET A 5 -4.43 1.06 -0.05
C MET A 5 -3.42 0.22 0.70
N LYS A 6 -3.22 -1.01 0.25
CA LYS A 6 -2.27 -1.91 0.86
C LYS A 6 -0.85 -1.47 0.54
N LYS A 7 -0.61 -1.16 -0.72
CA LYS A 7 0.69 -0.71 -1.15
C LYS A 7 1.00 0.66 -0.56
N LEU A 8 -0.02 1.49 -0.40
CA LEU A 8 0.14 2.80 0.22
C LEU A 8 0.76 2.66 1.61
N SER A 9 0.43 1.56 2.27
CA SER A 9 0.98 1.27 3.59
C SER A 9 2.35 0.59 3.45
N LYS A 10 2.47 -0.27 2.44
CA LYS A 10 3.71 -1.00 2.20
C LYS A 10 4.82 -0.06 1.77
N ASP A 11 4.45 1.03 1.10
CA ASP A 11 5.39 2.03 0.64
C ASP A 11 5.94 2.85 1.80
N LYS A 12 5.36 2.67 2.99
CA LYS A 12 5.84 3.38 4.17
C LYS A 12 7.06 2.68 4.76
N ASP A 2 -2.04 -7.18 -3.86
CA ASP A 2 -2.29 -6.15 -2.85
C ASP A 2 -2.83 -4.89 -3.50
N VAL A 3 -3.85 -4.30 -2.90
CA VAL A 3 -4.50 -3.12 -3.45
C VAL A 3 -3.65 -1.87 -3.21
N PHE A 4 -4.05 -0.76 -3.82
CA PHE A 4 -3.34 0.50 -3.65
C PHE A 4 -3.35 0.94 -2.20
N MET A 5 -4.45 0.69 -1.52
CA MET A 5 -4.57 1.03 -0.11
C MET A 5 -3.63 0.18 0.72
N LYS A 6 -3.29 -0.98 0.18
CA LYS A 6 -2.33 -1.87 0.79
C LYS A 6 -0.92 -1.38 0.51
N LYS A 7 -0.64 -1.13 -0.77
CA LYS A 7 0.66 -0.66 -1.20
C LYS A 7 0.98 0.71 -0.61
N LEU A 8 -0.06 1.49 -0.35
CA LEU A 8 0.11 2.80 0.29
C LEU A 8 0.80 2.64 1.64
N SER A 9 0.50 1.53 2.32
CA SER A 9 1.11 1.25 3.61
C SER A 9 2.51 0.65 3.41
N LYS A 10 2.66 -0.08 2.31
CA LYS A 10 3.96 -0.66 1.95
C LYS A 10 4.95 0.45 1.59
N ASP A 11 4.45 1.47 0.92
CA ASP A 11 5.26 2.61 0.52
C ASP A 11 5.47 3.55 1.70
N LYS A 12 4.83 3.25 2.81
CA LYS A 12 4.94 4.07 4.01
C LYS A 12 6.13 3.61 4.84
N ASP A 2 -1.71 -6.85 -4.07
CA ASP A 2 -1.76 -5.73 -3.13
C ASP A 2 -2.51 -4.57 -3.76
N VAL A 3 -3.60 -4.16 -3.15
CA VAL A 3 -4.38 -3.03 -3.63
C VAL A 3 -3.65 -1.72 -3.35
N PHE A 4 -4.17 -0.62 -3.86
CA PHE A 4 -3.55 0.68 -3.67
C PHE A 4 -3.42 0.99 -2.18
N MET A 5 -4.46 0.72 -1.42
CA MET A 5 -4.47 1.00 0.00
C MET A 5 -3.54 0.06 0.76
N LYS A 6 -3.26 -1.08 0.14
CA LYS A 6 -2.32 -2.05 0.69
C LYS A 6 -0.90 -1.56 0.50
N LYS A 7 -0.59 -1.23 -0.76
CA LYS A 7 0.75 -0.81 -1.13
C LYS A 7 1.06 0.57 -0.54
N LEU A 8 0.04 1.41 -0.40
CA LEU A 8 0.19 2.74 0.16
C LEU A 8 0.83 2.68 1.55
N SER A 9 0.47 1.65 2.31
CA SER A 9 0.99 1.47 3.64
C SER A 9 2.41 0.89 3.59
N LYS A 10 2.67 0.11 2.55
CA LYS A 10 3.97 -0.51 2.39
C LYS A 10 5.00 0.48 1.83
N ASP A 11 4.52 1.49 1.13
CA ASP A 11 5.39 2.49 0.54
C ASP A 11 5.91 3.48 1.58
N LYS A 12 5.16 3.63 2.67
CA LYS A 12 5.54 4.58 3.72
C LYS A 12 4.72 4.31 4.98
N ASP A 2 -1.85 -7.14 -2.86
CA ASP A 2 -1.65 -5.76 -2.44
C ASP A 2 -2.43 -4.80 -3.33
N VAL A 3 -3.44 -4.18 -2.74
CA VAL A 3 -4.21 -3.15 -3.41
C VAL A 3 -3.52 -1.79 -3.25
N PHE A 4 -4.15 -0.74 -3.77
CA PHE A 4 -3.60 0.61 -3.65
C PHE A 4 -3.41 0.98 -2.18
N MET A 5 -4.44 0.74 -1.37
CA MET A 5 -4.40 1.07 0.04
C MET A 5 -3.41 0.18 0.78
N LYS A 6 -3.19 -1.00 0.24
CA LYS A 6 -2.23 -1.93 0.80
C LYS A 6 -0.82 -1.47 0.50
N LYS A 7 -0.57 -1.17 -0.77
CA LYS A 7 0.75 -0.74 -1.20
C LYS A 7 1.08 0.63 -0.62
N LEU A 8 0.06 1.49 -0.49
CA LEU A 8 0.23 2.79 0.13
C LEU A 8 0.76 2.63 1.56
N SER A 9 0.32 1.57 2.21
CA SER A 9 0.77 1.27 3.56
C SER A 9 2.16 0.64 3.53
N LYS A 10 2.40 -0.20 2.53
CA LYS A 10 3.70 -0.86 2.37
C LYS A 10 4.79 0.14 2.05
N ASP A 11 4.50 1.06 1.15
CA ASP A 11 5.47 2.09 0.76
C ASP A 11 5.77 3.01 1.94
N LYS A 12 4.80 3.16 2.83
CA LYS A 12 4.95 4.03 3.98
C LYS A 12 5.75 3.33 5.08
N ASP A 2 -2.77 -7.27 -2.67
CA ASP A 2 -2.15 -5.98 -2.49
C ASP A 2 -2.85 -4.92 -3.33
N VAL A 3 -3.76 -4.21 -2.71
CA VAL A 3 -4.47 -3.13 -3.37
C VAL A 3 -3.70 -1.82 -3.25
N PHE A 4 -4.23 -0.74 -3.81
CA PHE A 4 -3.61 0.57 -3.71
C PHE A 4 -3.42 0.96 -2.25
N MET A 5 -4.45 0.73 -1.44
CA MET A 5 -4.39 1.06 -0.03
C MET A 5 -3.37 0.18 0.68
N LYS A 6 -3.22 -1.05 0.18
CA LYS A 6 -2.27 -1.98 0.73
C LYS A 6 -0.85 -1.50 0.47
N LYS A 7 -0.57 -1.16 -0.78
CA LYS A 7 0.75 -0.71 -1.18
C LYS A 7 1.05 0.65 -0.57
N LEU A 8 0.03 1.47 -0.39
CA LEU A 8 0.19 2.79 0.22
C LEU A 8 0.84 2.65 1.59
N SER A 9 0.40 1.64 2.33
CA SER A 9 0.94 1.39 3.66
C SER A 9 2.26 0.63 3.57
N LYS A 10 2.39 -0.19 2.55
CA LYS A 10 3.57 -1.03 2.34
C LYS A 10 4.77 -0.17 1.91
N ASP A 11 4.47 0.93 1.23
CA ASP A 11 5.52 1.85 0.76
C ASP A 11 6.10 2.65 1.92
N LYS A 12 5.44 2.59 3.07
CA LYS A 12 5.90 3.31 4.24
C LYS A 12 6.30 2.34 5.35
N ASP A 2 -0.98 -6.65 -3.77
CA ASP A 2 -1.24 -5.51 -2.90
C ASP A 2 -2.18 -4.54 -3.59
N VAL A 3 -3.28 -4.20 -2.94
CA VAL A 3 -4.17 -3.18 -3.47
C VAL A 3 -3.55 -1.80 -3.25
N PHE A 4 -4.17 -0.76 -3.80
CA PHE A 4 -3.64 0.58 -3.68
C PHE A 4 -3.45 0.98 -2.22
N MET A 5 -4.48 0.71 -1.41
CA MET A 5 -4.44 1.06 0.00
C MET A 5 -3.43 0.21 0.75
N LYS A 6 -3.19 -0.98 0.23
CA LYS A 6 -2.22 -1.89 0.81
C LYS A 6 -0.81 -1.44 0.50
N LYS A 7 -0.56 -1.17 -0.77
CA LYS A 7 0.75 -0.73 -1.20
C LYS A 7 1.08 0.65 -0.61
N LEU A 8 0.06 1.48 -0.45
CA LEU A 8 0.24 2.79 0.16
C LEU A 8 0.77 2.64 1.59
N SER A 9 0.38 1.54 2.24
CA SER A 9 0.82 1.25 3.59
C SER A 9 2.22 0.65 3.57
N LYS A 10 2.53 -0.11 2.52
CA LYS A 10 3.81 -0.80 2.40
C LYS A 10 4.91 0.14 1.94
N ASP A 11 4.56 1.09 1.08
CA ASP A 11 5.53 2.05 0.54
C ASP A 11 6.11 2.91 1.66
N LYS A 12 5.31 3.19 2.68
CA LYS A 12 5.75 4.01 3.79
C LYS A 12 5.82 3.20 5.09
N ASP A 2 -1.05 -6.73 -4.20
CA ASP A 2 -1.86 -6.03 -3.19
C ASP A 2 -2.58 -4.82 -3.78
N VAL A 3 -3.61 -4.38 -3.09
CA VAL A 3 -4.38 -3.22 -3.53
C VAL A 3 -3.61 -1.93 -3.26
N PHE A 4 -4.04 -0.83 -3.87
CA PHE A 4 -3.37 0.45 -3.71
C PHE A 4 -3.38 0.90 -2.25
N MET A 5 -4.49 0.66 -1.58
CA MET A 5 -4.63 1.04 -0.18
C MET A 5 -3.69 0.22 0.69
N LYS A 6 -3.30 -0.94 0.18
CA LYS A 6 -2.34 -1.78 0.85
C LYS A 6 -0.93 -1.34 0.53
N LYS A 7 -0.70 -1.08 -0.75
CA LYS A 7 0.60 -0.62 -1.22
C LYS A 7 0.94 0.74 -0.62
N LEU A 8 -0.09 1.52 -0.28
CA LEU A 8 0.08 2.79 0.40
C LEU A 8 0.85 2.60 1.70
N SER A 9 0.58 1.49 2.38
CA SER A 9 1.24 1.18 3.65
C SER A 9 2.67 0.69 3.39
N LYS A 10 2.92 0.27 2.17
CA LYS A 10 4.25 -0.16 1.76
C LYS A 10 5.08 1.06 1.35
N ASP A 11 4.43 2.01 0.67
CA ASP A 11 5.10 3.20 0.16
C ASP A 11 5.39 4.18 1.29
N LYS A 12 4.43 4.38 2.19
CA LYS A 12 4.60 5.33 3.28
C LYS A 12 4.07 4.74 4.58
N ASP A 2 -1.94 -7.17 -3.85
CA ASP A 2 -2.18 -6.09 -2.90
C ASP A 2 -2.75 -4.87 -3.60
N VAL A 3 -3.73 -4.23 -2.97
CA VAL A 3 -4.39 -3.08 -3.55
C VAL A 3 -3.61 -1.80 -3.31
N PHE A 4 -4.08 -0.69 -3.84
CA PHE A 4 -3.42 0.60 -3.67
C PHE A 4 -3.38 0.97 -2.20
N MET A 5 -4.47 0.72 -1.49
CA MET A 5 -4.55 1.02 -0.07
C MET A 5 -3.59 0.15 0.72
N LYS A 6 -3.29 -1.02 0.17
CA LYS A 6 -2.35 -1.93 0.78
C LYS A 6 -0.93 -1.47 0.50
N LYS A 7 -0.65 -1.20 -0.76
CA LYS A 7 0.67 -0.75 -1.18
C LYS A 7 1.00 0.61 -0.57
N LEU A 8 -0.03 1.43 -0.35
CA LEU A 8 0.13 2.74 0.26
C LEU A 8 0.78 2.62 1.64
N SER A 9 0.51 1.50 2.29
CA SER A 9 1.08 1.24 3.61
C SER A 9 2.58 1.01 3.50
N LYS A 10 3.01 0.41 2.39
CA LYS A 10 4.41 0.11 2.17
C LYS A 10 5.14 1.32 1.59
N ASP A 11 4.40 2.18 0.90
CA ASP A 11 4.97 3.41 0.35
C ASP A 11 5.15 4.44 1.45
N LYS A 12 4.18 4.53 2.34
CA LYS A 12 4.23 5.51 3.42
C LYS A 12 3.67 4.90 4.71
N ASP A 2 -1.48 -7.00 -3.61
CA ASP A 2 -1.54 -5.79 -2.80
C ASP A 2 -2.29 -4.69 -3.52
N VAL A 3 -3.34 -4.20 -2.90
CA VAL A 3 -4.16 -3.13 -3.47
C VAL A 3 -3.51 -1.77 -3.25
N PHE A 4 -4.12 -0.71 -3.78
CA PHE A 4 -3.57 0.63 -3.63
C PHE A 4 -3.42 1.00 -2.16
N MET A 5 -4.45 0.73 -1.37
CA MET A 5 -4.43 1.04 0.04
C MET A 5 -3.40 0.18 0.76
N LYS A 6 -3.21 -1.02 0.25
CA LYS A 6 -2.24 -1.95 0.80
C LYS A 6 -0.83 -1.48 0.49
N LYS A 7 -0.59 -1.18 -0.77
CA LYS A 7 0.71 -0.74 -1.23
C LYS A 7 1.07 0.62 -0.65
N LEU A 8 0.05 1.48 -0.48
CA LEU A 8 0.26 2.79 0.12
C LEU A 8 0.76 2.64 1.56
N SER A 9 0.37 1.55 2.19
CA SER A 9 0.78 1.28 3.56
C SER A 9 2.19 0.70 3.61
N LYS A 10 2.62 0.11 2.51
CA LYS A 10 3.95 -0.48 2.42
C LYS A 10 4.98 0.52 1.90
N ASP A 11 4.57 1.35 0.94
CA ASP A 11 5.49 2.34 0.34
C ASP A 11 5.95 3.35 1.37
N LYS A 12 5.08 3.69 2.31
CA LYS A 12 5.37 4.69 3.32
C LYS A 12 4.82 4.27 4.67
N ASP A 2 -1.22 -7.06 -3.46
CA ASP A 2 -1.68 -5.99 -2.58
C ASP A 2 -2.47 -4.94 -3.37
N VAL A 3 -3.48 -4.38 -2.73
CA VAL A 3 -4.26 -3.32 -3.33
C VAL A 3 -3.56 -1.98 -3.16
N PHE A 4 -4.09 -0.93 -3.78
CA PHE A 4 -3.48 0.39 -3.73
C PHE A 4 -3.38 0.89 -2.29
N MET A 5 -4.44 0.69 -1.52
CA MET A 5 -4.48 1.13 -0.14
C MET A 5 -3.50 0.31 0.69
N LYS A 6 -3.25 -0.90 0.23
CA LYS A 6 -2.27 -1.78 0.86
C LYS A 6 -0.86 -1.34 0.50
N LYS A 7 -0.67 -1.03 -0.79
CA LYS A 7 0.61 -0.55 -1.26
C LYS A 7 0.96 0.78 -0.61
N LEU A 8 -0.05 1.58 -0.34
CA LEU A 8 0.13 2.85 0.36
C LEU A 8 0.81 2.61 1.71
N SER A 9 0.47 1.49 2.34
CA SER A 9 1.05 1.11 3.59
C SER A 9 2.41 0.44 3.37
N LYS A 10 2.53 -0.24 2.24
CA LYS A 10 3.74 -0.97 1.88
C LYS A 10 4.87 -0.02 1.49
N ASP A 11 4.50 1.11 0.91
CA ASP A 11 5.47 2.09 0.42
C ASP A 11 6.12 2.87 1.56
N LYS A 12 5.57 2.74 2.76
CA LYS A 12 6.10 3.45 3.92
C LYS A 12 6.40 2.49 5.05
N ASP A 2 -2.83 -7.41 -3.71
CA ASP A 2 -2.74 -6.22 -2.88
C ASP A 2 -3.32 -5.02 -3.59
N VAL A 3 -4.07 -4.22 -2.86
CA VAL A 3 -4.72 -3.04 -3.42
C VAL A 3 -3.86 -1.80 -3.26
N PHE A 4 -4.33 -0.68 -3.81
CA PHE A 4 -3.61 0.59 -3.70
C PHE A 4 -3.37 0.96 -2.24
N MET A 5 -4.40 0.79 -1.41
CA MET A 5 -4.29 1.09 0.01
C MET A 5 -3.32 0.14 0.69
N LYS A 6 -3.19 -1.06 0.14
CA LYS A 6 -2.27 -2.04 0.66
C LYS A 6 -0.84 -1.58 0.46
N LYS A 7 -0.53 -1.20 -0.78
CA LYS A 7 0.81 -0.76 -1.11
C LYS A 7 1.10 0.62 -0.52
N LEU A 8 0.06 1.45 -0.41
CA LEU A 8 0.20 2.77 0.18
C LEU A 8 0.73 2.67 1.61
N SER A 9 0.36 1.59 2.29
CA SER A 9 0.85 1.33 3.63
C SER A 9 2.31 0.90 3.60
N LYS A 10 2.68 0.19 2.53
CA LYS A 10 4.04 -0.31 2.39
C LYS A 10 4.99 0.80 1.91
N ASP A 11 4.41 1.84 1.32
CA ASP A 11 5.18 2.97 0.81
C ASP A 11 5.34 4.03 1.89
N LYS A 12 5.12 3.64 3.14
CA LYS A 12 5.24 4.56 4.27
C LYS A 12 6.68 5.06 4.40
N ASP A 2 -1.67 -6.99 -4.13
CA ASP A 2 -2.08 -6.09 -3.05
C ASP A 2 -2.74 -4.84 -3.63
N VAL A 3 -3.72 -4.31 -2.92
CA VAL A 3 -4.45 -3.15 -3.39
C VAL A 3 -3.66 -1.86 -3.19
N PHE A 4 -4.14 -0.77 -3.75
CA PHE A 4 -3.47 0.52 -3.63
C PHE A 4 -3.34 0.94 -2.18
N MET A 5 -4.39 0.73 -1.40
CA MET A 5 -4.38 1.09 0.01
C MET A 5 -3.37 0.24 0.76
N LYS A 6 -3.16 -0.96 0.26
CA LYS A 6 -2.18 -1.86 0.86
C LYS A 6 -0.79 -1.46 0.45
N LYS A 7 -0.62 -1.13 -0.82
CA LYS A 7 0.64 -0.65 -1.32
C LYS A 7 1.01 0.67 -0.65
N LEU A 8 0.03 1.53 -0.48
CA LEU A 8 0.22 2.81 0.19
C LEU A 8 0.76 2.60 1.60
N SER A 9 0.32 1.52 2.23
CA SER A 9 0.75 1.19 3.58
C SER A 9 2.17 0.63 3.56
N LYS A 10 2.51 -0.08 2.50
CA LYS A 10 3.82 -0.73 2.38
C LYS A 10 4.85 0.18 1.71
N ASP A 11 4.39 1.26 1.10
CA ASP A 11 5.31 2.19 0.43
C ASP A 11 6.07 3.03 1.45
N LYS A 12 5.39 3.44 2.51
CA LYS A 12 6.01 4.26 3.53
C LYS A 12 7.01 3.45 4.35
N ASP A 2 -1.06 -6.91 -3.51
CA ASP A 2 -1.45 -5.81 -2.64
C ASP A 2 -2.16 -4.72 -3.42
N VAL A 3 -3.28 -4.27 -2.89
CA VAL A 3 -4.08 -3.23 -3.51
C VAL A 3 -3.46 -1.86 -3.25
N PHE A 4 -4.01 -0.81 -3.86
CA PHE A 4 -3.49 0.54 -3.69
C PHE A 4 -3.42 0.93 -2.22
N MET A 5 -4.51 0.67 -1.48
CA MET A 5 -4.58 1.05 -0.08
C MET A 5 -3.65 0.18 0.75
N LYS A 6 -3.28 -0.96 0.20
CA LYS A 6 -2.32 -1.83 0.85
C LYS A 6 -0.90 -1.38 0.53
N LYS A 7 -0.66 -1.10 -0.75
CA LYS A 7 0.64 -0.66 -1.21
C LYS A 7 0.99 0.68 -0.59
N LEU A 8 -0.01 1.52 -0.37
CA LEU A 8 0.18 2.81 0.25
C LEU A 8 0.82 2.65 1.64
N SER A 9 0.51 1.54 2.29
CA SER A 9 1.08 1.24 3.59
C SER A 9 2.45 0.57 3.44
N LYS A 10 2.64 -0.13 2.32
CA LYS A 10 3.89 -0.81 2.02
C LYS A 10 4.95 0.19 1.57
N ASP A 11 4.51 1.25 0.91
CA ASP A 11 5.41 2.29 0.42
C ASP A 11 5.91 3.18 1.55
N LYS A 12 5.44 2.90 2.76
CA LYS A 12 5.86 3.64 3.94
C LYS A 12 7.09 2.99 4.57
N ASP A 2 -1.42 -7.13 -3.54
CA ASP A 2 -1.84 -6.02 -2.71
C ASP A 2 -2.52 -4.93 -3.54
N VAL A 3 -3.50 -4.27 -2.95
CA VAL A 3 -4.20 -3.18 -3.60
C VAL A 3 -3.49 -1.84 -3.33
N PHE A 4 -4.02 -0.77 -3.91
CA PHE A 4 -3.43 0.56 -3.73
C PHE A 4 -3.40 0.95 -2.25
N MET A 5 -4.50 0.69 -1.56
CA MET A 5 -4.60 1.05 -0.15
C MET A 5 -3.66 0.20 0.70
N LYS A 6 -3.33 -0.97 0.18
CA LYS A 6 -2.39 -1.86 0.83
C LYS A 6 -0.96 -1.43 0.55
N LYS A 7 -0.70 -1.16 -0.72
CA LYS A 7 0.61 -0.70 -1.18
C LYS A 7 0.93 0.66 -0.56
N LEU A 8 -0.11 1.43 -0.27
CA LEU A 8 0.04 2.74 0.37
C LEU A 8 0.80 2.61 1.69
N SER A 9 0.58 1.50 2.38
CA SER A 9 1.28 1.25 3.64
C SER A 9 2.73 0.88 3.36
N LYS A 10 2.93 0.13 2.28
CA LYS A 10 4.26 -0.36 1.91
C LYS A 10 5.13 0.78 1.38
N ASP A 11 4.50 1.73 0.70
CA ASP A 11 5.21 2.86 0.11
C ASP A 11 5.71 3.82 1.20
N LYS A 12 5.20 3.64 2.41
CA LYS A 12 5.61 4.48 3.53
C LYS A 12 6.65 3.77 4.38
N ASP A 2 -1.90 -7.10 -3.70
CA ASP A 2 -2.35 -6.20 -2.65
C ASP A 2 -2.89 -4.91 -3.26
N VAL A 3 -3.93 -4.36 -2.65
CA VAL A 3 -4.61 -3.19 -3.19
C VAL A 3 -3.75 -1.93 -3.09
N PHE A 4 -4.21 -0.85 -3.71
CA PHE A 4 -3.49 0.42 -3.69
C PHE A 4 -3.33 0.92 -2.27
N MET A 5 -4.37 0.76 -1.46
CA MET A 5 -4.33 1.16 -0.07
C MET A 5 -3.33 0.32 0.71
N LYS A 6 -3.14 -0.90 0.24
CA LYS A 6 -2.18 -1.81 0.84
C LYS A 6 -0.77 -1.44 0.43
N LYS A 7 -0.61 -1.08 -0.84
CA LYS A 7 0.66 -0.59 -1.33
C LYS A 7 1.01 0.73 -0.63
N LEU A 8 -0.01 1.56 -0.43
CA LEU A 8 0.16 2.81 0.29
C LEU A 8 0.71 2.56 1.68
N SER A 9 0.31 1.44 2.27
CA SER A 9 0.79 1.05 3.58
C SER A 9 2.26 0.67 3.52
N LYS A 10 2.64 0.00 2.42
CA LYS A 10 4.02 -0.44 2.23
C LYS A 10 4.91 0.72 1.84
N ASP A 11 4.35 1.69 1.11
CA ASP A 11 5.09 2.87 0.71
C ASP A 11 5.35 3.77 1.92
N LYS A 12 4.46 3.71 2.91
CA LYS A 12 4.63 4.48 4.13
C LYS A 12 5.66 3.82 5.04
N ASP A 2 -2.10 -7.36 -3.36
CA ASP A 2 -2.10 -6.14 -2.55
C ASP A 2 -2.61 -4.96 -3.35
N VAL A 3 -3.65 -4.32 -2.83
CA VAL A 3 -4.28 -3.20 -3.52
C VAL A 3 -3.53 -1.89 -3.27
N PHE A 4 -4.01 -0.80 -3.85
CA PHE A 4 -3.39 0.50 -3.69
C PHE A 4 -3.39 0.93 -2.23
N MET A 5 -4.50 0.67 -1.54
CA MET A 5 -4.60 1.03 -0.13
C MET A 5 -3.67 0.18 0.71
N LYS A 6 -3.33 -0.99 0.18
CA LYS A 6 -2.37 -1.87 0.81
C LYS A 6 -0.96 -1.36 0.52
N LYS A 7 -0.69 -1.11 -0.76
CA LYS A 7 0.61 -0.64 -1.20
C LYS A 7 0.95 0.71 -0.59
N LEU A 8 -0.07 1.51 -0.31
CA LEU A 8 0.11 2.80 0.33
C LEU A 8 0.87 2.65 1.66
N SER A 9 0.57 1.56 2.38
CA SER A 9 1.22 1.28 3.63
C SER A 9 2.58 0.62 3.39
N LYS A 10 2.68 -0.12 2.29
CA LYS A 10 3.91 -0.82 1.95
C LYS A 10 4.97 0.16 1.47
N ASP A 11 4.54 1.19 0.77
CA ASP A 11 5.45 2.23 0.27
C ASP A 11 6.00 3.06 1.43
N LYS A 12 5.26 3.09 2.52
CA LYS A 12 5.68 3.84 3.70
C LYS A 12 6.21 2.89 4.76
N ASP A 2 -0.76 -6.33 -4.65
CA ASP A 2 -1.73 -5.92 -3.63
C ASP A 2 -2.38 -4.61 -4.01
N VAL A 3 -3.53 -4.34 -3.39
CA VAL A 3 -4.31 -3.14 -3.72
C VAL A 3 -3.57 -1.85 -3.35
N PHE A 4 -4.02 -0.74 -3.91
CA PHE A 4 -3.37 0.55 -3.70
C PHE A 4 -3.37 0.93 -2.23
N MET A 5 -4.47 0.66 -1.54
CA MET A 5 -4.60 1.01 -0.15
C MET A 5 -3.66 0.17 0.70
N LYS A 6 -3.32 -0.99 0.18
CA LYS A 6 -2.39 -1.89 0.85
C LYS A 6 -0.96 -1.46 0.54
N LYS A 7 -0.72 -1.13 -0.72
CA LYS A 7 0.58 -0.67 -1.18
C LYS A 7 0.93 0.67 -0.56
N LEU A 8 -0.10 1.47 -0.29
CA LEU A 8 0.07 2.77 0.35
C LEU A 8 0.83 2.63 1.66
N SER A 9 0.59 1.53 2.37
CA SER A 9 1.25 1.27 3.63
C SER A 9 2.70 0.83 3.39
N LYS A 10 2.92 0.12 2.29
CA LYS A 10 4.24 -0.36 1.94
C LYS A 10 5.10 0.77 1.39
N ASP A 11 4.45 1.75 0.76
CA ASP A 11 5.14 2.92 0.24
C ASP A 11 5.57 3.84 1.38
N LYS A 12 5.00 3.62 2.55
CA LYS A 12 5.33 4.40 3.73
C LYS A 12 6.67 3.96 4.30
N ASP A 2 -0.78 -6.64 -2.72
CA ASP A 2 -1.09 -5.36 -2.07
C ASP A 2 -1.82 -4.41 -3.02
N VAL A 3 -3.08 -4.16 -2.72
CA VAL A 3 -3.89 -3.21 -3.47
C VAL A 3 -3.38 -1.79 -3.25
N PHE A 4 -4.02 -0.81 -3.85
CA PHE A 4 -3.60 0.59 -3.72
C PHE A 4 -3.51 1.01 -2.26
N MET A 5 -4.52 0.67 -1.48
CA MET A 5 -4.55 1.04 -0.07
C MET A 5 -3.56 0.22 0.73
N LYS A 6 -3.25 -0.95 0.22
CA LYS A 6 -2.30 -1.83 0.89
C LYS A 6 -0.87 -1.43 0.57
N LYS A 7 -0.61 -1.15 -0.70
CA LYS A 7 0.70 -0.71 -1.13
C LYS A 7 1.02 0.66 -0.57
N LEU A 8 -0.02 1.48 -0.39
CA LEU A 8 0.14 2.79 0.23
C LEU A 8 0.76 2.64 1.62
N SER A 9 0.47 1.51 2.26
CA SER A 9 1.04 1.20 3.56
C SER A 9 2.45 0.62 3.40
N LYS A 10 2.63 -0.22 2.38
CA LYS A 10 3.93 -0.83 2.11
C LYS A 10 4.95 0.20 1.65
N ASP A 11 4.47 1.26 1.03
CA ASP A 11 5.34 2.33 0.54
C ASP A 11 5.82 3.22 1.68
N LYS A 12 5.24 3.03 2.86
CA LYS A 12 5.61 3.83 4.01
C LYS A 12 6.54 3.05 4.92
#